data_6Y4L
#
_entry.id   6Y4L
#
_cell.length_a   52.577
_cell.length_b   84.939
_cell.length_c   122.585
_cell.angle_alpha   90.000
_cell.angle_beta   90.000
_cell.angle_gamma   90.000
#
_symmetry.space_group_name_H-M   'P 21 21 21'
#
loop_
_entity.id
_entity.type
_entity.pdbx_description
1 polymer 'ER membrane protein complex subunit 2'
2 polymer 'ER membrane protein complex subunit 9'
3 non-polymer 'SULFATE ION'
4 non-polymer 1,2-ETHANEDIOL
5 non-polymer 2-{2-[2-(2-{2-[2-(2-ETHOXY-ETHOXY)-ETHOXY]-ETHOXY}-ETHOXY)-ETHOXY]-ETHOXY}-ETHANOL
6 non-polymer DI(HYDROXYETHYL)ETHER
7 water water
#
loop_
_entity_poly.entity_id
_entity_poly.type
_entity_poly.pdbx_seq_one_letter_code
_entity_poly.pdbx_strand_id
1 'polypeptide(L)'
;MTWEEMRDKMRKWREENSRNSEQIVEVGEELINEYASKLGDDIWIIYEQVMIAALDYGRDDLALFCLQELRRQFPGSHRV
KRLTGMRFEAMERYDDAIQLYDRILQEDPTNTAARKRKIAIRKAQGKNVEAIRELNEYLEQFVGDQEAWHELAELYINEH
DYAKAAFCLEELMMTNPHNHLYCQQYAEVKYTQGGLENLELSRKYFAQALKLNNRNMRALFGLYMSASHIASNPKASAKT
KKDNMKYASWAASQINRAYQFAGRSAAALEHHHHH
;
A
2 'polypeptide(L)'
;MGEVEISALAYVKMCLHAARYPHAAVNGLFLAPAPRSGECLCLTDCVPLFHSHLALSVMLEVALNQVDVWGAQAGLVVAG
YYHANAAVNDQSPGPLALKIAGRIAEFFPDAVLIMLDNQKLVPQPRVPPVIVLENQGLRWVPKDKNLVMWRDWEESRQMV
GALLEDRAHQHLVDFDCHLDDIRQDWTNQRLNTQITQWVGAAALEHHHHHHH
;
B
#
# COMPACT_ATOMS: atom_id res chain seq x y z
N THR A 2 10.63 -27.94 31.91
CA THR A 2 10.93 -26.94 30.91
C THR A 2 11.54 -27.58 29.66
N TRP A 3 10.76 -27.63 28.57
CA TRP A 3 11.35 -28.09 27.32
C TRP A 3 12.16 -26.96 26.74
N GLU A 4 13.49 -27.13 26.75
CA GLU A 4 14.39 -26.12 26.22
C GLU A 4 14.10 -25.85 24.75
N GLU A 5 13.81 -26.90 23.98
CA GLU A 5 13.49 -26.71 22.57
C GLU A 5 12.39 -25.68 22.39
N MET A 6 11.42 -25.65 23.31
CA MET A 6 10.30 -24.74 23.17
C MET A 6 10.61 -23.35 23.72
N ARG A 7 11.21 -23.27 24.91
CA ARG A 7 11.49 -21.95 25.48
C ARG A 7 12.48 -21.18 24.62
N ASP A 8 13.50 -21.87 24.09
CA ASP A 8 14.49 -21.17 23.29
C ASP A 8 13.93 -20.80 21.91
N LYS A 9 13.05 -21.63 21.35
CA LYS A 9 12.40 -21.26 20.09
C LYS A 9 11.62 -19.95 20.25
N MET A 10 10.92 -19.78 21.38
CA MET A 10 10.21 -18.54 21.62
C MET A 10 11.18 -17.36 21.76
N ARG A 11 12.39 -17.62 22.30
CA ARG A 11 13.37 -16.56 22.43
C ARG A 11 13.81 -16.07 21.05
N LYS A 12 14.32 -16.97 20.21
CA LYS A 12 14.83 -16.56 18.90
C LYS A 12 13.74 -16.00 18.01
N TRP A 13 12.48 -16.42 18.22
CA TRP A 13 11.39 -15.83 17.45
C TRP A 13 11.18 -14.38 17.82
N ARG A 14 11.20 -14.07 19.12
CA ARG A 14 11.15 -12.68 19.57
C ARG A 14 12.37 -11.91 19.06
N GLU A 15 13.58 -12.48 19.20
CA GLU A 15 14.78 -11.76 18.81
C GLU A 15 14.85 -11.51 17.30
N GLU A 16 14.29 -12.40 16.49
CA GLU A 16 14.30 -12.27 15.04
C GLU A 16 12.99 -11.70 14.50
N ASN A 17 12.04 -11.35 15.37
CA ASN A 17 10.75 -10.78 14.99
C ASN A 17 10.04 -11.64 13.95
N SER A 18 9.76 -12.88 14.33
CA SER A 18 9.13 -13.84 13.43
C SER A 18 7.66 -13.51 13.19
N ARG A 19 7.15 -13.96 12.04
CA ARG A 19 5.76 -13.75 11.65
C ARG A 19 4.97 -15.05 11.61
N ASN A 20 5.58 -16.17 12.00
CA ASN A 20 4.93 -17.48 11.99
C ASN A 20 3.99 -17.57 13.20
N SER A 21 2.83 -16.91 13.07
CA SER A 21 1.88 -16.91 14.19
C SER A 21 1.38 -18.31 14.52
N GLU A 22 1.28 -19.19 13.53
CA GLU A 22 0.83 -20.56 13.80
C GLU A 22 1.75 -21.25 14.79
N GLN A 23 3.05 -21.28 14.49
CA GLN A 23 3.98 -22.02 15.34
C GLN A 23 4.14 -21.37 16.71
N ILE A 24 4.05 -20.04 16.76
CA ILE A 24 4.23 -19.33 18.03
C ILE A 24 3.06 -19.62 18.96
N VAL A 25 1.85 -19.67 18.42
CA VAL A 25 0.70 -20.10 19.21
C VAL A 25 0.84 -21.56 19.62
N GLU A 26 1.30 -22.41 18.70
CA GLU A 26 1.37 -23.84 18.99
C GLU A 26 2.33 -24.12 20.14
N VAL A 27 3.57 -23.63 20.04
CA VAL A 27 4.52 -23.93 21.10
C VAL A 27 4.20 -23.13 22.36
N GLY A 28 3.79 -21.86 22.20
CA GLY A 28 3.58 -21.01 23.36
C GLY A 28 2.43 -21.50 24.24
N GLU A 29 1.29 -21.81 23.62
CA GLU A 29 0.16 -22.36 24.36
C GLU A 29 0.54 -23.64 25.10
N GLU A 30 1.28 -24.52 24.45
CA GLU A 30 1.80 -25.71 25.14
C GLU A 30 2.65 -25.32 26.35
N LEU A 31 3.42 -24.23 26.26
CA LEU A 31 4.27 -23.80 27.37
C LEU A 31 3.45 -23.21 28.52
N ILE A 32 2.46 -22.38 28.22
CA ILE A 32 1.60 -21.79 29.25
C ILE A 32 0.86 -22.87 30.03
N ASN A 33 0.36 -23.89 29.33
CA ASN A 33 -0.57 -24.81 29.97
C ASN A 33 0.13 -25.97 30.66
N GLU A 34 1.32 -26.37 30.18
CA GLU A 34 1.98 -27.55 30.71
C GLU A 34 3.32 -27.29 31.39
N TYR A 35 3.89 -26.08 31.28
CA TYR A 35 5.23 -25.85 31.80
C TYR A 35 5.38 -24.47 32.43
N ALA A 36 4.29 -23.82 32.87
CA ALA A 36 4.40 -22.48 33.43
C ALA A 36 5.27 -22.47 34.68
N SER A 37 5.18 -23.50 35.51
CA SER A 37 6.02 -23.59 36.70
C SER A 37 7.51 -23.56 36.38
N LYS A 38 7.88 -23.87 35.13
CA LYS A 38 9.27 -23.97 34.74
C LYS A 38 9.78 -22.77 33.96
N LEU A 39 8.89 -21.91 33.47
CA LEU A 39 9.33 -20.84 32.59
C LEU A 39 10.05 -19.72 33.33
N GLY A 40 9.81 -19.56 34.63
CA GLY A 40 10.57 -18.64 35.45
C GLY A 40 10.49 -17.19 35.01
N ASP A 41 11.62 -16.65 34.55
CA ASP A 41 11.70 -15.23 34.19
C ASP A 41 11.07 -14.92 32.83
N ASP A 42 10.91 -15.92 31.96
CA ASP A 42 10.45 -15.69 30.60
C ASP A 42 8.95 -15.72 30.47
N ILE A 43 8.23 -15.96 31.56
CA ILE A 43 6.81 -16.25 31.47
C ILE A 43 6.04 -15.07 30.88
N TRP A 44 6.37 -13.84 31.30
CA TRP A 44 5.52 -12.74 30.89
C TRP A 44 5.77 -12.33 29.44
N ILE A 45 7.00 -12.43 28.96
CA ILE A 45 7.26 -12.20 27.54
C ILE A 45 6.53 -13.25 26.70
N ILE A 46 6.54 -14.50 27.16
CA ILE A 46 5.90 -15.56 26.39
C ILE A 46 4.40 -15.35 26.35
N TYR A 47 3.78 -15.03 27.50
CA TYR A 47 2.39 -14.57 27.53
C TYR A 47 2.12 -13.48 26.50
N GLU A 48 3.03 -12.49 26.42
CA GLU A 48 2.83 -11.40 25.46
C GLU A 48 3.03 -11.89 24.03
N GLN A 49 4.07 -12.68 23.80
CA GLN A 49 4.29 -13.30 22.49
C GLN A 49 3.05 -14.10 22.04
N VAL A 50 2.52 -14.95 22.93
CA VAL A 50 1.38 -15.79 22.54
C VAL A 50 0.18 -14.92 22.21
N MET A 51 -0.07 -13.90 23.03
CA MET A 51 -1.22 -13.03 22.78
C MET A 51 -1.19 -12.41 21.38
N ILE A 52 -0.04 -11.85 21.02
CA ILE A 52 0.09 -11.21 19.72
C ILE A 52 -0.20 -12.19 18.60
N ALA A 53 0.44 -13.37 18.65
CA ALA A 53 0.26 -14.35 17.59
C ALA A 53 -1.16 -14.91 17.59
N ALA A 54 -1.75 -15.10 18.78
CA ALA A 54 -3.13 -15.54 18.88
C ALA A 54 -4.07 -14.55 18.19
N LEU A 55 -3.80 -13.25 18.32
CA LEU A 55 -4.67 -12.27 17.67
C LEU A 55 -4.63 -12.45 16.16
N ASP A 56 -3.43 -12.63 15.60
CA ASP A 56 -3.31 -12.71 14.15
C ASP A 56 -3.81 -14.04 13.61
N TYR A 57 -3.77 -15.09 14.41
CA TYR A 57 -4.19 -16.44 14.03
C TYR A 57 -5.66 -16.73 14.35
N GLY A 58 -6.36 -15.81 14.99
CA GLY A 58 -7.78 -15.99 15.23
C GLY A 58 -8.15 -16.82 16.44
N ARG A 59 -7.30 -16.86 17.46
CA ARG A 59 -7.56 -17.56 18.72
C ARG A 59 -7.79 -16.48 19.78
N ASP A 60 -8.98 -15.86 19.74
N ASP A 60 -8.96 -15.84 19.72
CA ASP A 60 -9.25 -14.74 20.62
CA ASP A 60 -9.21 -14.75 20.64
C ASP A 60 -9.58 -15.20 22.04
C ASP A 60 -9.47 -15.22 22.07
N ASP A 61 -9.90 -16.47 22.23
CA ASP A 61 -9.97 -17.05 23.57
C ASP A 61 -8.59 -17.02 24.23
N LEU A 62 -7.57 -17.46 23.50
CA LEU A 62 -6.21 -17.49 24.03
C LEU A 62 -5.65 -16.08 24.22
N ALA A 63 -5.91 -15.18 23.28
CA ALA A 63 -5.42 -13.81 23.39
C ALA A 63 -5.96 -13.13 24.64
N LEU A 64 -7.27 -13.27 24.89
CA LEU A 64 -7.90 -12.66 26.06
C LEU A 64 -7.31 -13.22 27.35
N PHE A 65 -7.11 -14.54 27.43
CA PHE A 65 -6.50 -15.11 28.62
C PHE A 65 -5.10 -14.52 28.87
N CYS A 66 -4.25 -14.49 27.85
CA CYS A 66 -2.92 -13.91 28.02
C CYS A 66 -3.02 -12.45 28.44
N LEU A 67 -3.98 -11.72 27.86
CA LEU A 67 -4.14 -10.31 28.21
C LEU A 67 -4.55 -10.14 29.66
N GLN A 68 -5.52 -10.95 30.12
CA GLN A 68 -6.00 -10.78 31.49
C GLN A 68 -4.88 -11.09 32.48
N GLU A 69 -4.06 -12.10 32.20
CA GLU A 69 -2.94 -12.42 33.10
C GLU A 69 -1.93 -11.29 33.14
N LEU A 70 -1.64 -10.70 31.99
CA LEU A 70 -0.64 -9.63 31.95
C LEU A 70 -1.15 -8.40 32.70
N ARG A 71 -2.43 -8.05 32.48
CA ARG A 71 -3.07 -6.95 33.19
C ARG A 71 -2.98 -7.15 34.70
N ARG A 72 -3.10 -8.40 35.16
CA ARG A 72 -3.00 -8.70 36.59
C ARG A 72 -1.58 -8.51 37.11
N GLN A 73 -0.58 -8.91 36.33
CA GLN A 73 0.79 -8.79 36.82
C GLN A 73 1.31 -7.34 36.76
N PHE A 74 0.95 -6.59 35.71
CA PHE A 74 1.48 -5.25 35.49
C PHE A 74 0.32 -4.26 35.38
N PRO A 75 -0.34 -3.96 36.49
CA PRO A 75 -1.47 -3.04 36.42
C PRO A 75 -1.01 -1.66 35.99
N GLY A 76 -1.82 -1.02 35.15
CA GLY A 76 -1.57 0.32 34.70
C GLY A 76 -0.48 0.47 33.66
N SER A 77 0.04 -0.60 33.09
CA SER A 77 1.26 -0.47 32.32
C SER A 77 0.95 -0.09 30.88
N HIS A 78 1.85 0.72 30.33
CA HIS A 78 1.79 1.17 28.95
C HIS A 78 1.75 -0.03 28.00
N ARG A 79 2.50 -1.08 28.31
CA ARG A 79 2.59 -2.20 27.39
C ARG A 79 1.31 -3.01 27.35
N VAL A 80 0.63 -3.17 28.48
CA VAL A 80 -0.64 -3.85 28.45
C VAL A 80 -1.67 -3.02 27.69
N LYS A 81 -1.66 -1.70 27.89
CA LYS A 81 -2.47 -0.81 27.07
C LYS A 81 -2.22 -1.04 25.57
N ARG A 82 -0.94 -1.16 25.17
CA ARG A 82 -0.65 -1.44 23.77
C ARG A 82 -1.34 -2.73 23.30
N LEU A 83 -1.25 -3.79 24.10
CA LEU A 83 -1.89 -5.06 23.76
C LEU A 83 -3.41 -4.91 23.73
N THR A 84 -3.98 -4.22 24.72
CA THR A 84 -5.42 -3.95 24.74
C THR A 84 -5.83 -3.21 23.48
N GLY A 85 -5.01 -2.25 23.04
CA GLY A 85 -5.34 -1.53 21.82
C GLY A 85 -5.24 -2.42 20.60
N MET A 86 -4.19 -3.24 20.54
CA MET A 86 -4.05 -4.19 19.45
C MET A 86 -5.28 -5.10 19.37
N ARG A 87 -5.76 -5.58 20.52
CA ARG A 87 -6.92 -6.45 20.49
C ARG A 87 -8.17 -5.72 20.00
N PHE A 88 -8.45 -4.53 20.55
CA PHE A 88 -9.57 -3.74 20.04
C PHE A 88 -9.49 -3.54 18.52
N GLU A 89 -8.29 -3.28 18.00
CA GLU A 89 -8.16 -3.07 16.56
C GLU A 89 -8.48 -4.35 15.79
N ALA A 90 -7.95 -5.48 16.28
CA ALA A 90 -8.13 -6.74 15.59
C ALA A 90 -9.60 -7.15 15.56
N MET A 91 -10.37 -6.74 16.56
CA MET A 91 -11.81 -6.94 16.60
C MET A 91 -12.58 -5.80 15.98
N GLU A 92 -11.89 -4.85 15.35
CA GLU A 92 -12.53 -3.67 14.73
C GLU A 92 -13.38 -2.89 15.73
N ARG A 93 -12.99 -2.90 17.00
CA ARG A 93 -13.63 -2.03 18.00
C ARG A 93 -12.89 -0.68 18.02
N TYR A 94 -13.10 0.05 16.94
CA TYR A 94 -12.24 1.19 16.64
C TYR A 94 -12.42 2.33 17.63
N ASP A 95 -13.65 2.57 18.05
CA ASP A 95 -13.94 3.62 19.03
C ASP A 95 -13.26 3.32 20.36
N ASP A 96 -13.37 2.07 20.84
CA ASP A 96 -12.64 1.71 22.06
C ASP A 96 -11.13 1.89 21.87
N ALA A 97 -10.65 1.61 20.67
CA ALA A 97 -9.23 1.75 20.40
C ALA A 97 -8.82 3.21 20.44
N ILE A 98 -9.63 4.10 19.84
CA ILE A 98 -9.32 5.53 19.90
C ILE A 98 -9.27 6.01 21.34
N GLN A 99 -10.21 5.53 22.18
CA GLN A 99 -10.25 5.95 23.58
C GLN A 99 -8.97 5.56 24.32
N LEU A 100 -8.45 4.37 24.03
CA LEU A 100 -7.22 3.91 24.65
C LEU A 100 -6.01 4.72 24.16
N TYR A 101 -5.87 4.85 22.85
CA TYR A 101 -4.73 5.60 22.33
C TYR A 101 -4.80 7.06 22.74
N ASP A 102 -5.98 7.58 23.06
CA ASP A 102 -6.09 8.97 23.46
C ASP A 102 -5.50 9.21 24.84
N ARG A 103 -5.60 8.24 25.75
CA ARG A 103 -5.07 8.52 27.07
C ARG A 103 -3.60 8.13 27.22
N ILE A 104 -3.09 7.28 26.33
CA ILE A 104 -1.63 7.20 26.16
C ILE A 104 -1.09 8.56 25.73
N LEU A 105 -1.67 9.13 24.67
CA LEU A 105 -1.17 10.42 24.20
C LEU A 105 -1.46 11.55 25.17
N GLN A 106 -2.44 11.38 26.06
CA GLN A 106 -2.62 12.36 27.14
C GLN A 106 -1.46 12.28 28.13
N GLU A 107 -0.93 11.09 28.38
CA GLU A 107 0.25 10.98 29.23
C GLU A 107 1.53 11.31 28.48
N ASP A 108 1.54 11.16 27.15
CA ASP A 108 2.74 11.41 26.35
C ASP A 108 2.32 11.95 24.99
N PRO A 109 2.10 13.26 24.89
CA PRO A 109 1.63 13.84 23.62
C PRO A 109 2.50 13.50 22.41
N THR A 110 3.79 13.26 22.58
CA THR A 110 4.64 12.94 21.44
C THR A 110 4.77 11.44 21.18
N ASN A 111 3.97 10.60 21.83
CA ASN A 111 4.05 9.16 21.58
C ASN A 111 3.80 8.89 20.11
N THR A 112 4.81 8.35 19.43
CA THR A 112 4.69 8.14 17.98
C THR A 112 3.87 6.90 17.66
N ALA A 113 4.08 5.80 18.38
CA ALA A 113 3.35 4.57 18.12
C ALA A 113 1.84 4.79 18.24
N ALA A 114 1.41 5.47 19.30
CA ALA A 114 -0.02 5.66 19.53
C ALA A 114 -0.63 6.57 18.47
N ARG A 115 0.04 7.69 18.18
CA ARG A 115 -0.45 8.56 17.11
C ARG A 115 -0.55 7.79 15.81
N LYS A 116 0.48 7.00 15.51
CA LYS A 116 0.45 6.21 14.28
C LYS A 116 -0.73 5.24 14.29
N ARG A 117 -1.06 4.66 15.44
CA ARG A 117 -2.22 3.76 15.50
C ARG A 117 -3.52 4.53 15.29
N LYS A 118 -3.64 5.73 15.87
CA LYS A 118 -4.85 6.53 15.69
C LYS A 118 -5.06 6.87 14.23
N ILE A 119 -3.97 7.16 13.51
CA ILE A 119 -4.08 7.50 12.09
C ILE A 119 -4.59 6.31 11.29
N ALA A 120 -3.96 5.13 11.48
CA ALA A 120 -4.47 3.91 10.83
C ALA A 120 -5.94 3.65 11.15
N ILE A 121 -6.34 3.90 12.40
CA ILE A 121 -7.73 3.65 12.74
C ILE A 121 -8.63 4.63 11.99
N ARG A 122 -8.25 5.92 11.96
CA ARG A 122 -9.09 6.87 11.24
C ARG A 122 -9.18 6.53 9.74
N LYS A 123 -8.12 5.98 9.14
CA LYS A 123 -8.26 5.58 7.73
C LYS A 123 -9.22 4.40 7.59
N ALA A 124 -9.11 3.43 8.49
CA ALA A 124 -10.05 2.32 8.50
C ALA A 124 -11.48 2.84 8.68
N GLN A 125 -11.65 3.91 9.45
CA GLN A 125 -12.99 4.44 9.71
C GLN A 125 -13.49 5.32 8.60
N GLY A 126 -12.66 5.63 7.61
CA GLY A 126 -13.04 6.64 6.63
C GLY A 126 -13.14 8.04 7.22
N LYS A 127 -12.44 8.32 8.32
CA LYS A 127 -12.44 9.65 8.91
C LYS A 127 -11.09 10.35 8.70
N ASN A 128 -10.64 10.38 7.46
CA ASN A 128 -9.39 11.07 7.13
C ASN A 128 -9.45 12.54 7.50
N VAL A 129 -10.62 13.16 7.35
CA VAL A 129 -10.78 14.59 7.65
C VAL A 129 -10.56 14.86 9.13
N GLU A 130 -11.10 14.00 10.01
CA GLU A 130 -10.83 14.18 11.44
C GLU A 130 -9.35 13.97 11.72
N ALA A 131 -8.75 12.95 11.11
CA ALA A 131 -7.32 12.71 11.28
C ALA A 131 -6.50 13.96 10.90
N ILE A 132 -6.90 14.65 9.84
CA ILE A 132 -6.17 15.84 9.42
C ILE A 132 -6.30 16.95 10.46
N ARG A 133 -7.50 17.13 11.01
CA ARG A 133 -7.70 18.14 12.03
C ARG A 133 -6.89 17.83 13.29
N GLU A 134 -6.84 16.55 13.68
CA GLU A 134 -6.10 16.16 14.88
C GLU A 134 -4.60 16.31 14.69
N LEU A 135 -4.07 15.97 13.51
CA LEU A 135 -2.64 16.18 13.26
C LEU A 135 -2.29 17.66 13.25
N ASN A 136 -3.20 18.50 12.73
CA ASN A 136 -2.96 19.94 12.75
C ASN A 136 -2.89 20.47 14.17
N GLU A 137 -3.85 20.10 15.02
CA GLU A 137 -3.82 20.53 16.42
C GLU A 137 -2.51 20.13 17.10
N TYR A 138 -2.05 18.91 16.82
CA TYR A 138 -0.79 18.43 17.39
C TYR A 138 0.41 19.25 16.90
N LEU A 139 0.46 19.55 15.60
CA LEU A 139 1.62 20.23 15.02
C LEU A 139 1.70 21.69 15.42
N GLU A 140 0.55 22.33 15.70
CA GLU A 140 0.54 23.67 16.28
C GLU A 140 1.28 23.71 17.61
N GLN A 141 1.26 22.62 18.39
CA GLN A 141 1.93 22.61 19.68
C GLN A 141 3.29 21.91 19.68
N PHE A 142 3.57 21.06 18.68
CA PHE A 142 4.82 20.31 18.60
C PHE A 142 5.35 20.36 17.16
N VAL A 143 5.63 21.59 16.68
CA VAL A 143 6.00 21.82 15.30
C VAL A 143 7.27 21.07 14.92
N GLY A 144 8.12 20.70 15.88
CA GLY A 144 9.35 19.98 15.59
C GLY A 144 9.17 18.53 15.16
N ASP A 145 7.95 17.99 15.19
CA ASP A 145 7.75 16.55 14.97
C ASP A 145 7.72 16.28 13.47
N GLN A 146 8.89 15.95 12.90
CA GLN A 146 8.98 15.81 11.45
C GLN A 146 8.14 14.64 10.94
N GLU A 147 8.16 13.50 11.63
CA GLU A 147 7.39 12.36 11.12
C GLU A 147 5.89 12.66 11.11
N ALA A 148 5.41 13.46 12.06
CA ALA A 148 4.02 13.89 12.03
C ALA A 148 3.72 14.82 10.84
N TRP A 149 4.67 15.69 10.45
CA TRP A 149 4.49 16.46 9.22
C TRP A 149 4.36 15.55 7.99
N HIS A 150 5.20 14.50 7.92
CA HIS A 150 5.12 13.56 6.81
C HIS A 150 3.79 12.78 6.79
N GLU A 151 3.32 12.34 7.97
CA GLU A 151 2.00 11.70 8.07
C GLU A 151 0.89 12.62 7.54
N LEU A 152 0.93 13.89 7.91
CA LEU A 152 -0.06 14.86 7.45
C LEU A 152 0.03 15.07 5.93
N ALA A 153 1.25 15.24 5.40
CA ALA A 153 1.43 15.30 3.95
C ALA A 153 0.67 14.17 3.25
N GLU A 154 0.87 12.94 3.70
CA GLU A 154 0.24 11.79 3.07
C GLU A 154 -1.29 11.84 3.20
N LEU A 155 -1.79 12.27 4.35
CA LEU A 155 -3.24 12.44 4.52
C LEU A 155 -3.79 13.43 3.52
N TYR A 156 -3.10 14.55 3.30
CA TYR A 156 -3.59 15.55 2.34
C TYR A 156 -3.58 15.01 0.91
N ILE A 157 -2.56 14.23 0.56
CA ILE A 157 -2.51 13.61 -0.76
C ILE A 157 -3.70 12.67 -0.96
N ASN A 158 -3.97 11.82 0.04
CA ASN A 158 -5.13 10.93 0.00
C ASN A 158 -6.42 11.71 -0.23
N GLU A 159 -6.54 12.89 0.39
CA GLU A 159 -7.75 13.71 0.24
C GLU A 159 -7.67 14.61 -0.99
N HIS A 160 -6.62 14.50 -1.81
CA HIS A 160 -6.45 15.30 -3.02
C HIS A 160 -6.25 16.78 -2.72
N ASP A 161 -5.80 17.12 -1.51
CA ASP A 161 -5.54 18.51 -1.16
C ASP A 161 -4.05 18.81 -1.40
N TYR A 162 -3.69 18.93 -2.70
CA TYR A 162 -2.28 18.89 -3.06
C TYR A 162 -1.51 20.12 -2.58
N ALA A 163 -2.15 21.28 -2.51
CA ALA A 163 -1.45 22.48 -2.06
C ALA A 163 -1.09 22.37 -0.59
N LYS A 164 -2.00 21.81 0.22
CA LYS A 164 -1.67 21.61 1.64
C LYS A 164 -0.61 20.54 1.80
N ALA A 165 -0.66 19.45 1.03
CA ALA A 165 0.43 18.48 1.07
C ALA A 165 1.76 19.13 0.69
N ALA A 166 1.76 19.96 -0.36
CA ALA A 166 3.00 20.62 -0.78
C ALA A 166 3.55 21.51 0.33
N PHE A 167 2.66 22.14 1.08
CA PHE A 167 3.10 22.96 2.19
C PHE A 167 3.78 22.12 3.25
N CYS A 168 3.17 20.97 3.61
CA CYS A 168 3.78 20.08 4.58
C CYS A 168 5.15 19.57 4.13
N LEU A 169 5.28 19.22 2.85
CA LEU A 169 6.57 18.75 2.36
C LEU A 169 7.63 19.85 2.39
N GLU A 170 7.21 21.12 2.35
CA GLU A 170 8.18 22.21 2.43
C GLU A 170 8.82 22.25 3.82
N GLU A 171 8.05 21.97 4.87
CA GLU A 171 8.65 21.83 6.20
C GLU A 171 9.71 20.73 6.21
N LEU A 172 9.39 19.59 5.60
CA LEU A 172 10.34 18.48 5.59
C LEU A 172 11.58 18.80 4.77
N MET A 173 11.42 19.49 3.64
CA MET A 173 12.58 19.90 2.85
C MET A 173 13.41 20.96 3.58
N MET A 174 12.76 21.84 4.34
CA MET A 174 13.55 22.88 5.00
C MET A 174 14.31 22.33 6.19
N THR A 175 13.79 21.29 6.83
CA THR A 175 14.50 20.64 7.93
C THR A 175 15.42 19.52 7.47
N ASN A 176 15.19 18.97 6.28
CA ASN A 176 16.05 17.94 5.71
C ASN A 176 16.40 18.31 4.28
N PRO A 177 17.22 19.34 4.10
CA PRO A 177 17.50 19.83 2.74
C PRO A 177 18.36 18.90 1.89
N HIS A 178 18.97 17.87 2.48
CA HIS A 178 19.72 16.89 1.69
C HIS A 178 19.04 15.52 1.68
N ASN A 179 17.73 15.47 1.95
CA ASN A 179 16.98 14.21 1.89
C ASN A 179 16.26 14.14 0.55
N HIS A 180 16.72 13.21 -0.31
CA HIS A 180 16.23 13.09 -1.67
C HIS A 180 14.73 12.78 -1.72
N LEU A 181 14.22 12.02 -0.75
CA LEU A 181 12.82 11.57 -0.83
C LEU A 181 11.85 12.75 -0.77
N TYR A 182 12.10 13.71 0.13
CA TYR A 182 11.16 14.81 0.29
C TYR A 182 11.14 15.72 -0.95
N CYS A 183 12.32 15.97 -1.55
CA CYS A 183 12.36 16.66 -2.84
C CYS A 183 11.56 15.92 -3.89
N GLN A 184 11.78 14.60 -3.99
CA GLN A 184 11.07 13.82 -4.98
C GLN A 184 9.56 13.89 -4.77
N GLN A 185 9.09 13.74 -3.51
CA GLN A 185 7.64 13.75 -3.29
C GLN A 185 7.06 15.13 -3.51
N TYR A 186 7.78 16.16 -3.06
CA TYR A 186 7.37 17.53 -3.37
C TYR A 186 7.20 17.71 -4.87
N ALA A 187 8.13 17.17 -5.65
CA ALA A 187 8.03 17.29 -7.10
C ALA A 187 6.80 16.57 -7.64
N GLU A 188 6.55 15.34 -7.16
CA GLU A 188 5.35 14.64 -7.62
C GLU A 188 4.09 15.42 -7.30
N VAL A 189 4.03 16.03 -6.11
CA VAL A 189 2.84 16.81 -5.75
C VAL A 189 2.68 18.01 -6.68
N LYS A 190 3.76 18.76 -6.93
CA LYS A 190 3.65 19.91 -7.83
C LYS A 190 3.29 19.46 -9.25
N TYR A 191 3.83 18.33 -9.69
CA TYR A 191 3.46 17.82 -11.01
C TYR A 191 1.98 17.52 -11.06
N THR A 192 1.45 16.91 -9.98
CA THR A 192 0.02 16.59 -9.93
C THR A 192 -0.84 17.85 -9.91
N GLN A 193 -0.42 18.88 -9.17
CA GLN A 193 -1.13 20.16 -9.22
C GLN A 193 -1.23 20.68 -10.65
N GLY A 194 -0.20 20.44 -11.46
CA GLY A 194 -0.31 20.71 -12.88
C GLY A 194 -0.19 22.19 -13.22
N GLY A 195 -0.17 22.44 -14.52
CA GLY A 195 0.13 23.76 -15.06
C GLY A 195 1.62 23.93 -15.33
N LEU A 196 1.93 24.85 -16.25
CA LEU A 196 3.32 25.00 -16.67
C LEU A 196 4.21 25.44 -15.51
N GLU A 197 3.77 26.42 -14.74
CA GLU A 197 4.61 26.90 -13.64
C GLU A 197 4.87 25.79 -12.63
N ASN A 198 3.83 25.03 -12.27
CA ASN A 198 4.04 23.89 -11.37
C ASN A 198 4.90 22.83 -12.02
N LEU A 199 4.77 22.66 -13.34
CA LEU A 199 5.57 21.65 -14.03
C LEU A 199 7.05 22.04 -14.09
N GLU A 200 7.35 23.32 -14.35
CA GLU A 200 8.73 23.76 -14.30
C GLU A 200 9.31 23.56 -12.91
N LEU A 201 8.54 23.94 -11.87
CA LEU A 201 8.96 23.69 -10.49
C LEU A 201 9.21 22.21 -10.25
N SER A 202 8.33 21.36 -10.75
CA SER A 202 8.49 19.93 -10.55
C SER A 202 9.77 19.42 -11.21
N ARG A 203 10.06 19.91 -12.42
CA ARG A 203 11.29 19.47 -13.07
C ARG A 203 12.49 19.79 -12.20
N LYS A 204 12.52 20.99 -11.61
CA LYS A 204 13.68 21.41 -10.83
C LYS A 204 13.84 20.57 -9.58
N TYR A 205 12.75 20.29 -8.87
CA TYR A 205 12.91 19.49 -7.65
C TYR A 205 13.17 18.02 -7.96
N PHE A 206 12.61 17.50 -9.05
CA PHE A 206 13.01 16.17 -9.52
C PHE A 206 14.51 16.15 -9.82
N ALA A 207 15.04 17.24 -10.40
CA ALA A 207 16.48 17.31 -10.66
C ALA A 207 17.28 17.38 -9.36
N GLN A 208 16.75 18.08 -8.36
CA GLN A 208 17.45 18.13 -7.06
C GLN A 208 17.42 16.77 -6.36
N ALA A 209 16.29 16.07 -6.40
CA ALA A 209 16.24 14.75 -5.80
C ALA A 209 17.24 13.83 -6.47
N LEU A 210 17.27 13.86 -7.80
CA LEU A 210 18.23 13.05 -8.56
C LEU A 210 19.67 13.40 -8.19
N LYS A 211 19.99 14.69 -8.05
CA LYS A 211 21.34 15.05 -7.65
C LYS A 211 21.63 14.61 -6.23
N LEU A 212 20.60 14.58 -5.37
CA LEU A 212 20.80 14.12 -4.01
C LEU A 212 20.96 12.61 -3.91
N ASN A 213 20.49 11.87 -4.93
CA ASN A 213 20.56 10.41 -4.93
C ASN A 213 20.36 9.97 -6.38
N ASN A 214 21.47 9.68 -7.06
CA ASN A 214 21.45 9.40 -8.50
C ASN A 214 20.70 8.13 -8.85
N ARG A 215 20.29 7.34 -7.87
CA ARG A 215 19.60 6.07 -8.11
C ARG A 215 18.12 6.11 -7.75
N ASN A 216 17.53 7.29 -7.54
CA ASN A 216 16.10 7.40 -7.26
C ASN A 216 15.35 7.31 -8.59
N MET A 217 14.81 6.12 -8.89
CA MET A 217 14.11 5.91 -10.16
C MET A 217 12.88 6.80 -10.28
N ARG A 218 12.18 7.04 -9.17
CA ARG A 218 11.03 7.93 -9.21
C ARG A 218 11.43 9.34 -9.65
N ALA A 219 12.57 9.84 -9.14
CA ALA A 219 13.07 11.14 -9.57
C ALA A 219 13.41 11.15 -11.07
N LEU A 220 14.09 10.09 -11.53
CA LEU A 220 14.47 10.03 -12.94
C LEU A 220 13.24 10.07 -13.85
N PHE A 221 12.23 9.23 -13.57
CA PHE A 221 11.01 9.26 -14.37
C PHE A 221 10.30 10.61 -14.29
N GLY A 222 10.22 11.18 -13.08
CA GLY A 222 9.61 12.48 -12.94
C GLY A 222 10.29 13.56 -13.77
N LEU A 223 11.63 13.57 -13.73
CA LEU A 223 12.38 14.52 -14.56
C LEU A 223 12.04 14.34 -16.03
N TYR A 224 12.05 13.10 -16.52
CA TYR A 224 11.67 12.85 -17.90
C TYR A 224 10.25 13.36 -18.18
N MET A 225 9.30 12.98 -17.32
CA MET A 225 7.90 13.31 -17.59
C MET A 225 7.65 14.80 -17.45
N SER A 226 8.21 15.45 -16.42
CA SER A 226 8.04 16.89 -16.34
C SER A 226 8.66 17.57 -17.55
N ALA A 227 9.90 17.21 -17.88
CA ALA A 227 10.59 17.91 -18.97
C ALA A 227 9.85 17.71 -20.29
N SER A 228 9.32 16.50 -20.54
CA SER A 228 8.66 16.24 -21.81
C SER A 228 7.37 17.05 -21.96
N HIS A 229 6.60 17.19 -20.89
CA HIS A 229 5.40 18.00 -20.94
C HIS A 229 5.73 19.48 -21.13
N ILE A 230 6.79 19.95 -20.46
CA ILE A 230 7.18 21.34 -20.64
C ILE A 230 7.55 21.58 -22.10
N ALA A 231 8.29 20.66 -22.70
CA ALA A 231 8.76 20.84 -24.06
C ALA A 231 7.62 20.85 -25.07
N SER A 232 6.46 20.30 -24.71
CA SER A 232 5.29 20.30 -25.57
C SER A 232 4.25 21.34 -25.18
N ASN A 233 4.52 22.15 -24.15
CA ASN A 233 3.54 23.17 -23.75
C ASN A 233 3.72 24.43 -24.61
N PRO A 234 2.65 24.92 -25.26
CA PRO A 234 2.79 26.14 -26.06
C PRO A 234 3.16 27.37 -25.25
N LYS A 235 2.76 27.43 -23.98
CA LYS A 235 3.02 28.63 -23.20
C LYS A 235 4.52 28.86 -22.99
N ALA A 236 5.33 27.81 -23.06
CA ALA A 236 6.74 27.92 -22.70
C ALA A 236 7.53 28.68 -23.77
N SER A 237 8.56 29.40 -23.33
CA SER A 237 9.48 30.03 -24.25
C SER A 237 10.13 28.96 -25.10
N ALA A 238 10.66 29.38 -26.26
CA ALA A 238 11.52 28.50 -27.03
C ALA A 238 12.82 28.21 -26.29
N LYS A 239 13.26 29.14 -25.43
CA LYS A 239 14.40 28.85 -24.57
C LYS A 239 14.06 27.79 -23.53
N THR A 240 12.90 27.93 -22.88
CA THR A 240 12.54 26.95 -21.87
C THR A 240 12.21 25.60 -22.52
N LYS A 241 11.53 25.63 -23.67
CA LYS A 241 11.20 24.40 -24.38
C LYS A 241 12.46 23.65 -24.80
N LYS A 242 13.36 24.33 -25.52
CA LYS A 242 14.56 23.68 -26.02
C LYS A 242 15.42 23.15 -24.87
N ASP A 243 15.48 23.88 -23.76
CA ASP A 243 16.22 23.41 -22.59
C ASP A 243 15.58 22.15 -22.01
N ASN A 244 14.26 22.08 -22.00
CA ASN A 244 13.61 20.90 -21.42
C ASN A 244 13.65 19.71 -22.37
N MET A 245 13.63 19.94 -23.69
CA MET A 245 13.86 18.83 -24.61
C MET A 245 15.20 18.18 -24.35
N LYS A 246 16.20 18.98 -23.96
CA LYS A 246 17.51 18.44 -23.62
C LYS A 246 17.45 17.63 -22.33
N TYR A 247 16.79 18.18 -21.30
CA TYR A 247 16.56 17.43 -20.05
C TYR A 247 15.86 16.10 -20.30
N ALA A 248 14.93 16.06 -21.26
CA ALA A 248 14.08 14.88 -21.41
C ALA A 248 14.78 13.74 -22.13
N SER A 249 15.59 14.02 -23.16
CA SER A 249 16.28 12.91 -23.80
C SER A 249 17.58 12.55 -23.06
N TRP A 250 18.08 13.45 -22.21
CA TRP A 250 19.05 13.05 -21.21
C TRP A 250 18.43 12.06 -20.23
N ALA A 251 17.28 12.44 -19.64
CA ALA A 251 16.54 11.53 -18.76
C ALA A 251 16.21 10.22 -19.46
N ALA A 252 15.76 10.31 -20.73
CA ALA A 252 15.34 9.12 -21.47
C ALA A 252 16.48 8.13 -21.64
N SER A 253 17.69 8.64 -21.94
CA SER A 253 18.83 7.75 -22.11
C SER A 253 19.31 7.21 -20.78
N GLN A 254 19.26 8.03 -19.73
CA GLN A 254 19.50 7.51 -18.39
C GLN A 254 18.49 6.42 -18.02
N ILE A 255 17.20 6.64 -18.34
CA ILE A 255 16.22 5.57 -18.19
C ILE A 255 16.59 4.37 -19.05
N ASN A 256 16.91 4.61 -20.33
CA ASN A 256 17.32 3.55 -21.24
C ASN A 256 18.46 2.72 -20.64
N ARG A 257 19.42 3.38 -19.99
CA ARG A 257 20.58 2.67 -19.45
C ARG A 257 20.25 1.95 -18.14
N ALA A 258 19.41 2.56 -17.31
CA ALA A 258 19.02 1.93 -16.05
C ALA A 258 18.44 0.54 -16.29
N TYR A 259 17.51 0.41 -17.24
CA TYR A 259 16.86 -0.86 -17.50
C TYR A 259 17.82 -1.91 -18.05
N GLN A 260 18.83 -1.49 -18.83
CA GLN A 260 19.80 -2.46 -19.34
C GLN A 260 20.69 -3.00 -18.23
N PHE A 261 21.23 -2.10 -17.40
CA PHE A 261 22.00 -2.55 -16.24
C PHE A 261 21.15 -3.40 -15.32
N ALA A 262 19.89 -2.99 -15.10
CA ALA A 262 18.96 -3.82 -14.33
C ALA A 262 18.77 -5.19 -14.98
N GLY A 263 18.50 -5.20 -16.29
CA GLY A 263 18.24 -6.45 -16.98
C GLY A 263 19.46 -7.36 -17.05
N ARG A 264 20.65 -6.78 -17.12
CA ARG A 264 21.85 -7.63 -17.09
C ARG A 264 22.08 -8.17 -15.68
N SER A 265 21.82 -7.34 -14.66
CA SER A 265 21.96 -7.79 -13.27
C SER A 265 20.96 -8.89 -12.95
N ALA A 266 19.75 -8.81 -13.50
CA ALA A 266 18.72 -9.80 -13.20
C ALA A 266 19.03 -11.15 -13.83
N ALA A 267 19.78 -11.16 -14.94
CA ALA A 267 20.14 -12.42 -15.57
C ALA A 267 21.35 -13.07 -14.92
N ALA A 268 22.26 -12.26 -14.35
CA ALA A 268 23.30 -12.83 -13.51
C ALA A 268 22.73 -13.36 -12.20
N LEU A 269 21.55 -12.91 -11.80
CA LEU A 269 20.87 -13.40 -10.61
C LEU A 269 20.11 -14.70 -10.88
N GLU A 270 19.46 -14.81 -12.04
CA GLU A 270 18.72 -16.03 -12.38
C GLU A 270 19.65 -17.17 -12.76
N HIS A 271 20.89 -16.87 -13.16
CA HIS A 271 21.90 -17.89 -13.43
C HIS A 271 22.75 -18.20 -12.20
N HIS A 272 22.19 -18.01 -10.99
CA HIS A 272 22.77 -18.43 -9.71
C HIS A 272 24.28 -18.16 -9.56
N GLY B 2 -21.98 -5.12 -21.74
CA GLY B 2 -22.23 -6.55 -21.92
C GLY B 2 -21.58 -7.41 -20.85
N GLU B 3 -21.34 -8.68 -21.18
CA GLU B 3 -20.75 -9.60 -20.22
C GLU B 3 -19.23 -9.42 -20.15
N VAL B 4 -18.68 -9.74 -18.98
CA VAL B 4 -17.23 -9.78 -18.77
C VAL B 4 -16.89 -11.05 -18.00
N GLU B 5 -15.92 -11.80 -18.50
CA GLU B 5 -15.43 -13.01 -17.84
C GLU B 5 -14.13 -12.68 -17.13
N ILE B 6 -14.10 -12.86 -15.82
CA ILE B 6 -12.88 -12.63 -15.05
C ILE B 6 -12.15 -13.96 -14.89
N SER B 7 -10.89 -14.00 -15.31
CA SER B 7 -10.09 -15.20 -15.26
C SER B 7 -9.55 -15.43 -13.85
N ALA B 8 -9.16 -16.67 -13.59
CA ALA B 8 -8.59 -17.02 -12.30
C ALA B 8 -7.35 -16.21 -12.00
N LEU B 9 -6.42 -16.15 -12.95
CA LEU B 9 -5.16 -15.46 -12.75
C LEU B 9 -5.38 -13.99 -12.37
N ALA B 10 -6.31 -13.33 -13.05
CA ALA B 10 -6.54 -11.93 -12.76
C ALA B 10 -7.05 -11.75 -11.33
N TYR B 11 -8.07 -12.52 -10.96
CA TYR B 11 -8.63 -12.43 -9.63
C TYR B 11 -7.60 -12.76 -8.55
N VAL B 12 -6.84 -13.84 -8.74
CA VAL B 12 -5.86 -14.23 -7.72
C VAL B 12 -4.84 -13.11 -7.49
N LYS B 13 -4.20 -12.63 -8.57
CA LYS B 13 -3.16 -11.62 -8.40
C LYS B 13 -3.71 -10.35 -7.76
N MET B 14 -4.95 -9.99 -8.11
CA MET B 14 -5.58 -8.85 -7.45
C MET B 14 -5.72 -9.11 -5.94
N CYS B 15 -6.21 -10.30 -5.57
CA CYS B 15 -6.36 -10.62 -4.16
C CYS B 15 -5.02 -10.66 -3.45
N LEU B 16 -4.01 -11.23 -4.11
CA LEU B 16 -2.68 -11.29 -3.51
C LEU B 16 -2.13 -9.89 -3.30
N HIS B 17 -2.41 -8.98 -4.24
CA HIS B 17 -2.00 -7.59 -4.08
C HIS B 17 -2.60 -6.99 -2.82
N ALA B 18 -3.93 -6.97 -2.74
CA ALA B 18 -4.58 -6.42 -1.54
C ALA B 18 -4.11 -7.12 -0.27
N ALA B 19 -3.74 -8.40 -0.37
CA ALA B 19 -3.32 -9.11 0.83
C ALA B 19 -1.88 -8.82 1.20
N ARG B 20 -1.01 -8.46 0.25
CA ARG B 20 0.32 -8.06 0.64
C ARG B 20 0.31 -6.74 1.41
N TYR B 21 -0.66 -5.89 1.16
CA TYR B 21 -0.75 -4.57 1.80
C TYR B 21 -2.12 -4.44 2.45
N PRO B 22 -2.39 -5.23 3.49
CA PRO B 22 -3.68 -5.12 4.15
C PRO B 22 -3.80 -3.75 4.80
N HIS B 23 -5.04 -3.27 4.89
CA HIS B 23 -5.35 -1.97 5.47
C HIS B 23 -4.88 -0.80 4.61
N ALA B 24 -4.25 -1.06 3.47
CA ALA B 24 -3.91 0.01 2.55
C ALA B 24 -4.82 -0.05 1.34
N ALA B 25 -5.09 1.12 0.75
CA ALA B 25 -5.66 1.16 -0.58
C ALA B 25 -4.65 0.62 -1.57
N VAL B 26 -5.12 -0.23 -2.48
CA VAL B 26 -4.31 -0.73 -3.59
C VAL B 26 -5.14 -0.59 -4.86
N ASN B 27 -4.44 -0.55 -6.00
CA ASN B 27 -5.12 -0.48 -7.28
C ASN B 27 -4.33 -1.27 -8.30
N GLY B 28 -4.93 -1.47 -9.47
CA GLY B 28 -4.29 -2.26 -10.49
C GLY B 28 -5.09 -2.20 -11.78
N LEU B 29 -4.58 -2.88 -12.80
CA LEU B 29 -5.18 -2.90 -14.12
C LEU B 29 -5.47 -4.32 -14.55
N PHE B 30 -6.51 -4.44 -15.35
CA PHE B 30 -6.87 -5.69 -15.99
C PHE B 30 -6.58 -5.58 -17.48
N LEU B 31 -6.11 -6.67 -18.06
CA LEU B 31 -5.82 -6.73 -19.47
C LEU B 31 -6.68 -7.79 -20.14
N ALA B 32 -6.97 -7.58 -21.42
CA ALA B 32 -7.82 -8.45 -22.22
C ALA B 32 -7.33 -8.44 -23.66
N PRO B 33 -7.58 -9.51 -24.44
CA PRO B 33 -7.16 -9.51 -25.85
C PRO B 33 -8.05 -8.62 -26.72
N CYS B 42 -13.18 -10.52 -21.84
CA CYS B 42 -12.46 -11.51 -21.05
C CYS B 42 -11.22 -10.90 -20.38
N LEU B 43 -11.30 -10.65 -19.06
CA LEU B 43 -10.18 -10.09 -18.29
C LEU B 43 -9.20 -11.21 -17.96
N THR B 44 -8.11 -11.30 -18.72
CA THR B 44 -7.24 -12.47 -18.70
C THR B 44 -5.99 -12.29 -17.84
N ASP B 45 -5.62 -11.07 -17.47
CA ASP B 45 -4.40 -10.88 -16.70
C ASP B 45 -4.54 -9.58 -15.91
N CYS B 46 -3.51 -9.27 -15.15
CA CYS B 46 -3.66 -8.27 -14.11
C CYS B 46 -2.30 -7.70 -13.79
N VAL B 47 -2.21 -6.37 -13.71
CA VAL B 47 -0.98 -5.69 -13.34
C VAL B 47 -1.22 -4.90 -12.07
N PRO B 48 -0.71 -5.37 -10.93
CA PRO B 48 -0.84 -4.62 -9.70
C PRO B 48 -0.08 -3.31 -9.78
N LEU B 49 -0.73 -2.21 -9.40
CA LEU B 49 -0.13 -0.90 -9.60
C LEU B 49 0.55 -0.37 -8.35
N PHE B 50 -0.21 0.28 -7.47
CA PHE B 50 0.38 0.97 -6.33
C PHE B 50 -0.31 0.57 -5.04
N HIS B 51 0.43 0.78 -3.94
CA HIS B 51 -0.12 0.60 -2.60
C HIS B 51 0.08 1.82 -1.70
N SER B 52 0.53 2.95 -2.26
CA SER B 52 0.72 4.14 -1.43
C SER B 52 0.66 5.37 -2.33
N HIS B 53 0.18 6.49 -1.80
CA HIS B 53 0.12 7.75 -2.55
C HIS B 53 -0.50 7.55 -3.92
N LEU B 54 -1.59 6.79 -3.96
CA LEU B 54 -2.25 6.50 -5.24
C LEU B 54 -2.74 7.75 -5.93
N ALA B 55 -3.03 8.82 -5.19
CA ALA B 55 -3.63 9.98 -5.81
C ALA B 55 -2.62 10.93 -6.47
N LEU B 56 -1.34 10.55 -6.55
CA LEU B 56 -0.34 11.32 -7.30
C LEU B 56 -0.28 10.77 -8.72
N SER B 57 -0.08 11.65 -9.70
CA SER B 57 -0.34 11.21 -11.07
C SER B 57 0.90 10.86 -11.89
N VAL B 58 2.11 11.14 -11.43
CA VAL B 58 3.24 11.01 -12.35
C VAL B 58 3.67 9.55 -12.53
N MET B 59 3.82 8.77 -11.44
CA MET B 59 4.20 7.37 -11.66
C MET B 59 3.05 6.56 -12.24
N LEU B 60 1.79 6.91 -11.90
CA LEU B 60 0.65 6.31 -12.58
C LEU B 60 0.73 6.53 -14.08
N GLU B 61 1.05 7.76 -14.49
CA GLU B 61 1.23 8.02 -15.91
C GLU B 61 2.30 7.11 -16.50
N VAL B 62 3.43 6.96 -15.81
CA VAL B 62 4.49 6.07 -16.30
C VAL B 62 4.00 4.62 -16.39
N ALA B 63 3.29 4.17 -15.35
CA ALA B 63 2.79 2.79 -15.33
C ALA B 63 1.84 2.54 -16.48
N LEU B 64 0.89 3.45 -16.71
CA LEU B 64 -0.09 3.24 -17.77
C LEU B 64 0.59 3.08 -19.11
N ASN B 65 1.67 3.83 -19.35
CA ASN B 65 2.37 3.75 -20.62
C ASN B 65 3.14 2.45 -20.75
N GLN B 66 3.85 2.05 -19.69
CA GLN B 66 4.59 0.79 -19.75
C GLN B 66 3.67 -0.40 -20.02
N VAL B 67 2.54 -0.49 -19.31
CA VAL B 67 1.66 -1.63 -19.49
C VAL B 67 0.98 -1.58 -20.85
N ASP B 68 0.63 -0.38 -21.34
CA ASP B 68 0.05 -0.23 -22.66
C ASP B 68 0.94 -0.84 -23.74
N VAL B 69 2.22 -0.48 -23.75
CA VAL B 69 3.08 -0.99 -24.81
C VAL B 69 3.50 -2.43 -24.52
N TRP B 70 3.69 -2.80 -23.26
CA TRP B 70 3.87 -4.22 -22.98
C TRP B 70 2.68 -5.03 -23.46
N GLY B 71 1.47 -4.52 -23.19
CA GLY B 71 0.28 -5.20 -23.68
C GLY B 71 0.22 -5.26 -25.20
N ALA B 72 0.41 -4.11 -25.84
CA ALA B 72 0.29 -4.05 -27.30
C ALA B 72 1.22 -5.05 -27.97
N GLN B 73 2.39 -5.32 -27.40
CA GLN B 73 3.28 -6.30 -27.99
C GLN B 73 2.87 -7.73 -27.67
N ALA B 74 2.14 -7.94 -26.58
CA ALA B 74 1.59 -9.25 -26.25
C ALA B 74 0.18 -9.46 -26.80
N GLY B 75 -0.32 -8.54 -27.63
CA GLY B 75 -1.68 -8.65 -28.13
C GLY B 75 -2.75 -8.47 -27.06
N LEU B 76 -2.53 -7.56 -26.11
CA LEU B 76 -3.50 -7.29 -25.06
C LEU B 76 -3.75 -5.80 -24.96
N VAL B 77 -4.93 -5.46 -24.43
CA VAL B 77 -5.34 -4.07 -24.22
C VAL B 77 -5.69 -3.93 -22.74
N VAL B 78 -5.54 -2.71 -22.22
CA VAL B 78 -5.93 -2.44 -20.84
C VAL B 78 -7.46 -2.33 -20.80
N ALA B 79 -8.09 -3.22 -20.05
CA ALA B 79 -9.55 -3.36 -20.12
C ALA B 79 -10.25 -3.10 -18.80
N GLY B 80 -9.51 -2.85 -17.73
CA GLY B 80 -10.17 -2.58 -16.47
C GLY B 80 -9.21 -1.99 -15.47
N TYR B 81 -9.77 -1.69 -14.30
CA TYR B 81 -9.07 -1.09 -13.20
C TYR B 81 -9.72 -1.61 -11.93
N TYR B 82 -8.91 -2.00 -10.96
CA TYR B 82 -9.46 -2.44 -9.68
C TYR B 82 -8.93 -1.53 -8.59
N HIS B 83 -9.68 -1.47 -7.50
CA HIS B 83 -9.36 -0.52 -6.44
C HIS B 83 -9.96 -1.04 -5.14
N ALA B 84 -9.14 -1.14 -4.10
CA ALA B 84 -9.63 -1.44 -2.76
C ALA B 84 -9.45 -0.21 -1.88
N ASN B 85 -10.54 0.22 -1.26
CA ASN B 85 -10.49 1.37 -0.35
C ASN B 85 -9.85 0.97 0.97
N ALA B 86 -9.21 1.94 1.63
CA ALA B 86 -8.70 1.73 2.98
C ALA B 86 -9.83 1.68 4.02
N ALA B 87 -10.88 2.48 3.83
CA ALA B 87 -12.00 2.43 4.77
C ALA B 87 -12.68 1.07 4.66
N VAL B 88 -12.97 0.47 5.80
CA VAL B 88 -13.36 -0.94 5.79
C VAL B 88 -14.82 -1.13 5.39
N ASN B 89 -15.70 -0.18 5.71
CA ASN B 89 -17.10 -0.29 5.31
C ASN B 89 -17.38 0.29 3.92
N ASP B 90 -16.36 0.74 3.18
CA ASP B 90 -16.54 1.49 1.94
C ASP B 90 -16.06 0.66 0.76
N GLN B 91 -17.00 0.25 -0.09
CA GLN B 91 -16.72 -0.40 -1.36
C GLN B 91 -17.16 0.46 -2.55
N SER B 92 -17.35 1.77 -2.34
CA SER B 92 -17.82 2.66 -3.37
C SER B 92 -16.68 3.47 -3.98
N PRO B 93 -16.68 3.68 -5.30
CA PRO B 93 -15.53 4.33 -5.95
C PRO B 93 -15.43 5.81 -5.57
N GLY B 94 -14.26 6.19 -5.05
CA GLY B 94 -13.98 7.59 -4.80
C GLY B 94 -13.62 8.30 -6.07
N PRO B 95 -13.36 9.61 -5.94
CA PRO B 95 -13.03 10.41 -7.15
C PRO B 95 -11.78 9.93 -7.89
N LEU B 96 -10.77 9.42 -7.16
CA LEU B 96 -9.60 8.89 -7.84
C LEU B 96 -9.93 7.66 -8.69
N ALA B 97 -10.61 6.69 -8.09
CA ALA B 97 -11.03 5.51 -8.85
C ALA B 97 -11.82 5.89 -10.11
N LEU B 98 -12.75 6.85 -9.98
CA LEU B 98 -13.55 7.25 -11.14
C LEU B 98 -12.71 7.98 -12.18
N LYS B 99 -11.80 8.83 -11.73
CA LYS B 99 -10.92 9.53 -12.66
C LYS B 99 -10.10 8.54 -13.47
N ILE B 100 -9.43 7.60 -12.80
CA ILE B 100 -8.58 6.66 -13.54
C ILE B 100 -9.43 5.77 -14.44
N ALA B 101 -10.53 5.22 -13.89
CA ALA B 101 -11.39 4.37 -14.70
C ALA B 101 -11.95 5.15 -15.89
N GLY B 102 -12.32 6.41 -15.67
CA GLY B 102 -12.85 7.22 -16.76
C GLY B 102 -11.82 7.45 -17.85
N ARG B 103 -10.55 7.64 -17.46
CA ARG B 103 -9.50 7.81 -18.45
C ARG B 103 -9.27 6.53 -19.23
N ILE B 104 -9.35 5.39 -18.54
CA ILE B 104 -9.17 4.12 -19.24
C ILE B 104 -10.29 3.89 -20.24
N ALA B 105 -11.52 4.28 -19.87
CA ALA B 105 -12.63 4.14 -20.80
C ALA B 105 -12.52 5.08 -21.99
N GLU B 106 -11.63 6.08 -21.95
CA GLU B 106 -11.45 6.93 -23.12
C GLU B 106 -10.84 6.14 -24.28
N PHE B 107 -9.92 5.23 -23.98
CA PHE B 107 -9.30 4.36 -24.98
C PHE B 107 -9.99 3.01 -25.10
N PHE B 108 -10.90 2.69 -24.20
CA PHE B 108 -11.61 1.41 -24.22
C PHE B 108 -12.99 1.62 -23.61
N PRO B 109 -13.98 1.94 -24.44
CA PRO B 109 -15.31 2.32 -23.92
C PRO B 109 -15.97 1.28 -23.00
N ASP B 110 -15.63 0.01 -23.13
CA ASP B 110 -16.27 -1.05 -22.34
C ASP B 110 -15.46 -1.41 -21.10
N ALA B 111 -14.52 -0.55 -20.68
CA ALA B 111 -13.68 -0.89 -19.55
C ALA B 111 -14.52 -1.03 -18.29
N VAL B 112 -14.03 -1.86 -17.36
CA VAL B 112 -14.73 -2.16 -16.11
C VAL B 112 -13.95 -1.57 -14.96
N LEU B 113 -14.68 -1.10 -13.96
CA LEU B 113 -14.11 -0.65 -12.69
C LEU B 113 -14.57 -1.60 -11.59
N ILE B 114 -13.61 -2.24 -10.94
CA ILE B 114 -13.85 -3.32 -10.00
C ILE B 114 -13.49 -2.81 -8.61
N MET B 115 -14.47 -2.68 -7.72
CA MET B 115 -14.20 -2.33 -6.33
C MET B 115 -14.00 -3.62 -5.55
N LEU B 116 -12.89 -3.75 -4.87
CA LEU B 116 -12.54 -4.96 -4.14
C LEU B 116 -12.74 -4.72 -2.65
N ASP B 117 -13.46 -5.65 -2.01
CA ASP B 117 -13.61 -5.64 -0.56
C ASP B 117 -12.41 -6.37 0.02
N ASN B 118 -11.35 -5.63 0.36
CA ASN B 118 -10.18 -6.29 0.91
C ASN B 118 -10.37 -6.76 2.34
N GLN B 119 -11.56 -6.57 2.92
CA GLN B 119 -11.90 -7.17 4.20
C GLN B 119 -12.42 -8.59 4.06
N LYS B 120 -12.87 -8.99 2.88
CA LYS B 120 -13.41 -10.33 2.70
C LYS B 120 -12.51 -11.17 1.81
N LEU B 121 -11.23 -11.25 2.18
CA LEU B 121 -10.23 -11.99 1.42
C LEU B 121 -9.82 -13.29 2.09
N VAL B 122 -9.22 -13.22 3.28
CA VAL B 122 -8.58 -14.41 3.86
C VAL B 122 -9.56 -15.53 4.06
N PRO B 123 -10.71 -15.35 4.74
CA PRO B 123 -11.80 -16.29 4.55
C PRO B 123 -12.52 -15.93 3.26
N GLN B 124 -12.18 -16.61 2.18
CA GLN B 124 -12.77 -16.32 0.87
C GLN B 124 -14.27 -16.55 0.94
N PRO B 125 -15.09 -15.55 0.63
CA PRO B 125 -16.53 -15.66 0.88
C PRO B 125 -17.22 -16.54 -0.14
N ARG B 126 -18.49 -16.82 0.12
CA ARG B 126 -19.28 -17.64 -0.79
C ARG B 126 -19.45 -16.94 -2.15
N VAL B 127 -19.63 -15.62 -2.13
CA VAL B 127 -19.79 -14.86 -3.37
C VAL B 127 -18.59 -13.93 -3.55
N PRO B 128 -18.19 -13.65 -4.79
CA PRO B 128 -17.01 -12.81 -5.04
C PRO B 128 -17.08 -11.50 -4.25
N PRO B 129 -16.02 -11.15 -3.54
CA PRO B 129 -16.01 -9.93 -2.73
C PRO B 129 -15.68 -8.70 -3.56
N VAL B 130 -16.48 -8.48 -4.60
CA VAL B 130 -16.19 -7.50 -5.64
C VAL B 130 -17.49 -6.90 -6.15
N ILE B 131 -17.46 -5.62 -6.48
CA ILE B 131 -18.51 -4.99 -7.26
C ILE B 131 -17.92 -4.52 -8.57
N VAL B 132 -18.55 -4.92 -9.67
CA VAL B 132 -18.12 -4.55 -11.01
C VAL B 132 -19.02 -3.45 -11.52
N LEU B 133 -18.42 -2.34 -11.94
CA LEU B 133 -19.16 -1.22 -12.50
C LEU B 133 -18.78 -1.01 -13.96
N GLU B 134 -19.73 -0.47 -14.72
CA GLU B 134 -19.53 -0.22 -16.14
C GLU B 134 -19.78 1.25 -16.40
N ASN B 135 -19.23 1.74 -17.51
CA ASN B 135 -19.37 3.14 -17.88
C ASN B 135 -20.70 3.34 -18.59
N GLN B 136 -21.51 4.26 -18.08
CA GLN B 136 -22.82 4.58 -18.63
C GLN B 136 -22.91 6.09 -18.77
N GLY B 137 -22.31 6.62 -19.84
CA GLY B 137 -22.31 8.05 -20.09
C GLY B 137 -21.77 8.86 -18.93
N LEU B 138 -20.44 8.86 -18.77
CA LEU B 138 -19.74 9.70 -17.80
C LEU B 138 -20.01 9.29 -16.35
N ARG B 139 -20.98 8.42 -16.12
CA ARG B 139 -21.21 7.85 -14.79
C ARG B 139 -20.83 6.37 -14.80
N TRP B 140 -20.37 5.89 -13.64
CA TRP B 140 -20.10 4.46 -13.44
C TRP B 140 -21.19 3.85 -12.58
N VAL B 141 -21.85 2.81 -13.11
CA VAL B 141 -23.00 2.18 -12.46
C VAL B 141 -22.75 0.67 -12.33
N PRO B 142 -23.17 0.04 -11.23
CA PRO B 142 -22.90 -1.41 -11.08
C PRO B 142 -23.54 -2.24 -12.18
N LYS B 143 -22.81 -3.26 -12.62
CA LYS B 143 -23.32 -4.19 -13.60
C LYS B 143 -24.39 -5.09 -12.99
N ASP B 144 -25.41 -5.40 -13.78
CA ASP B 144 -26.29 -6.51 -13.42
C ASP B 144 -25.44 -7.73 -13.13
N LYS B 145 -25.66 -8.34 -11.96
CA LYS B 145 -24.81 -9.44 -11.52
C LYS B 145 -24.81 -10.59 -12.53
N ASN B 146 -25.90 -10.78 -13.27
CA ASN B 146 -25.97 -11.83 -14.28
C ASN B 146 -25.01 -11.59 -15.45
N LEU B 147 -24.44 -10.39 -15.56
CA LEU B 147 -23.54 -10.07 -16.66
C LEU B 147 -22.07 -10.29 -16.31
N VAL B 148 -21.77 -10.80 -15.11
CA VAL B 148 -20.40 -11.01 -14.66
C VAL B 148 -20.18 -12.50 -14.49
N MET B 149 -19.30 -13.07 -15.31
CA MET B 149 -19.02 -14.50 -15.36
C MET B 149 -17.62 -14.82 -14.84
N TRP B 150 -17.46 -16.05 -14.36
CA TRP B 150 -16.24 -16.48 -13.68
C TRP B 150 -15.76 -17.81 -14.25
N ARG B 151 -14.49 -17.86 -14.65
CA ARG B 151 -13.87 -19.10 -15.11
C ARG B 151 -13.48 -19.93 -13.90
N ASP B 152 -14.33 -20.88 -13.55
CA ASP B 152 -14.17 -21.70 -12.35
C ASP B 152 -14.02 -20.83 -11.11
N TRP B 153 -15.13 -20.25 -10.63
CA TRP B 153 -15.11 -19.48 -9.40
C TRP B 153 -14.66 -20.34 -8.22
N GLU B 154 -15.17 -21.57 -8.14
CA GLU B 154 -14.80 -22.47 -7.05
C GLU B 154 -13.29 -22.69 -7.02
N GLU B 155 -12.67 -22.92 -8.18
CA GLU B 155 -11.24 -23.13 -8.13
C GLU B 155 -10.49 -21.85 -7.78
N SER B 156 -10.96 -20.69 -8.23
CA SER B 156 -10.26 -19.45 -7.88
C SER B 156 -10.35 -19.17 -6.38
N ARG B 157 -11.43 -19.60 -5.72
CA ARG B 157 -11.53 -19.44 -4.28
C ARG B 157 -10.42 -20.20 -3.57
N GLN B 158 -10.27 -21.49 -3.91
CA GLN B 158 -9.41 -22.36 -3.12
C GLN B 158 -7.94 -22.03 -3.33
N MET B 159 -7.55 -21.64 -4.55
CA MET B 159 -6.14 -21.33 -4.80
C MET B 159 -5.70 -20.06 -4.08
N VAL B 160 -6.59 -19.06 -3.97
CA VAL B 160 -6.25 -17.89 -3.15
C VAL B 160 -6.02 -18.30 -1.71
N GLY B 161 -6.87 -19.18 -1.18
CA GLY B 161 -6.73 -19.61 0.20
C GLY B 161 -5.42 -20.34 0.42
N ALA B 162 -5.10 -21.29 -0.46
CA ALA B 162 -3.90 -22.10 -0.29
C ALA B 162 -2.65 -21.26 -0.53
N LEU B 163 -2.70 -20.33 -1.50
CA LEU B 163 -1.52 -19.54 -1.81
C LEU B 163 -1.24 -18.51 -0.71
N LEU B 164 -2.28 -17.91 -0.15
CA LEU B 164 -2.11 -17.07 1.02
C LEU B 164 -1.53 -17.88 2.19
N GLU B 165 -1.98 -19.13 2.36
CA GLU B 165 -1.42 -19.98 3.41
C GLU B 165 0.07 -20.23 3.18
N ASP B 166 0.52 -20.23 1.93
CA ASP B 166 1.93 -20.41 1.58
C ASP B 166 2.70 -19.10 1.44
N ARG B 167 2.14 -17.99 1.97
CA ARG B 167 2.80 -16.68 1.95
C ARG B 167 3.20 -16.25 0.54
N ALA B 168 2.45 -16.73 -0.47
CA ALA B 168 2.78 -16.42 -1.85
C ALA B 168 2.59 -14.94 -2.17
N HIS B 169 1.69 -14.27 -1.44
CA HIS B 169 1.45 -12.86 -1.69
C HIS B 169 2.68 -12.01 -1.39
N GLN B 170 3.62 -12.52 -0.58
CA GLN B 170 4.83 -11.78 -0.30
C GLN B 170 5.85 -11.86 -1.43
N HIS B 171 5.57 -12.66 -2.45
CA HIS B 171 6.33 -12.65 -3.69
C HIS B 171 5.65 -11.83 -4.79
N LEU B 172 4.49 -11.22 -4.50
CA LEU B 172 3.78 -10.43 -5.49
C LEU B 172 4.44 -9.06 -5.66
N VAL B 173 4.63 -8.66 -6.92
CA VAL B 173 5.31 -7.42 -7.28
C VAL B 173 4.31 -6.48 -7.96
N ASP B 174 4.17 -5.27 -7.42
CA ASP B 174 3.39 -4.21 -8.06
C ASP B 174 4.35 -3.13 -8.57
N PHE B 175 3.80 -2.09 -9.17
CA PHE B 175 4.66 -1.09 -9.80
C PHE B 175 5.44 -0.29 -8.76
N ASP B 176 4.81 0.01 -7.61
CA ASP B 176 5.54 0.56 -6.47
C ASP B 176 6.80 -0.23 -6.15
N CYS B 177 6.66 -1.54 -5.98
CA CYS B 177 7.82 -2.40 -5.73
C CYS B 177 8.84 -2.30 -6.87
N HIS B 178 8.37 -2.30 -8.11
CA HIS B 178 9.26 -2.18 -9.27
C HIS B 178 10.03 -0.86 -9.26
N LEU B 179 9.38 0.24 -8.86
CA LEU B 179 10.07 1.52 -8.80
C LEU B 179 11.19 1.49 -7.76
N ASP B 180 10.95 0.81 -6.63
CA ASP B 180 12.00 0.66 -5.63
C ASP B 180 13.21 -0.06 -6.22
N ASP B 181 12.99 -0.99 -7.15
CA ASP B 181 14.06 -1.87 -7.64
C ASP B 181 13.59 -2.45 -8.97
N ILE B 182 14.05 -1.87 -10.08
CA ILE B 182 13.44 -2.11 -11.39
C ILE B 182 13.77 -3.50 -11.93
N ARG B 183 14.58 -4.27 -11.21
CA ARG B 183 14.77 -5.67 -11.58
C ARG B 183 13.56 -6.51 -11.23
N GLN B 184 12.67 -6.02 -10.38
CA GLN B 184 11.47 -6.76 -9.99
C GLN B 184 10.45 -6.78 -11.12
N ASP B 185 9.88 -7.95 -11.35
CA ASP B 185 8.99 -8.21 -12.48
C ASP B 185 7.54 -7.92 -12.08
N TRP B 186 6.99 -6.81 -12.61
CA TRP B 186 5.60 -6.46 -12.33
C TRP B 186 4.61 -7.23 -13.20
N THR B 187 5.09 -8.01 -14.18
CA THR B 187 4.23 -9.00 -14.83
C THR B 187 4.06 -10.25 -13.98
N ASN B 188 4.91 -10.41 -12.95
CA ASN B 188 4.82 -11.52 -12.01
C ASN B 188 4.97 -12.86 -12.72
N GLN B 189 5.93 -12.94 -13.66
CA GLN B 189 6.07 -14.13 -14.51
C GLN B 189 6.18 -15.42 -13.70
N ARG B 190 6.46 -15.35 -12.40
CA ARG B 190 6.33 -16.52 -11.56
C ARG B 190 4.85 -16.74 -11.25
N LEU B 191 4.01 -16.75 -12.28
CA LEU B 191 2.62 -17.15 -12.17
C LEU B 191 2.58 -18.67 -12.13
N ASN B 192 3.26 -19.26 -11.15
CA ASN B 192 3.29 -20.68 -10.83
C ASN B 192 1.99 -21.17 -10.25
N THR B 193 0.93 -20.37 -10.36
CA THR B 193 -0.40 -20.81 -9.96
C THR B 193 -1.01 -21.78 -10.95
N GLN B 194 -0.49 -21.84 -12.18
CA GLN B 194 -1.04 -22.68 -13.23
C GLN B 194 -0.88 -24.19 -12.96
#